data_3L8M
#
_entry.id   3L8M
#
_cell.length_a   101.873
_cell.length_b   101.873
_cell.length_c   88.024
_cell.angle_alpha   90.00
_cell.angle_beta   90.00
_cell.angle_gamma   120.00
#
_symmetry.space_group_name_H-M   'P 63'
#
loop_
_entity.id
_entity.type
_entity.pdbx_description
1 polymer 'probable thiamine pyrophosphokinase'
2 non-polymer 'SODIUM ION'
3 water water
#
_entity_poly.entity_id   1
_entity_poly.type   'polypeptide(L)'
_entity_poly.pdbx_seq_one_letter_code
;(MSE)KANLLCGNRNLPKHILVEHKHEHWIGIDRGTLILLESGITPQFAVGDFDSISDSERNFIQQQIEINPYNSEKDDT
DLALGIDQAVKRGYRNIDVYGATGGRLDHF(MSE)GALQILEKPEYAK(MSE)NINIKLIDDTNEIQFIQKGQFNVTYSE
QFPYISFIPVIYPTVISLKGFKYNLQNETLKLGSTLTISNELSQSCGNIEIIEGSVL(MSE)IRSKDE
;
_entity_poly.pdbx_strand_id   A,B
#
loop_
_chem_comp.id
_chem_comp.type
_chem_comp.name
_chem_comp.formula
NA non-polymer 'SODIUM ION' 'Na 1'
#
# COMPACT_ATOMS: atom_id res chain seq x y z
N MSE A 1 5.57 -24.40 -11.21
CA MSE A 1 6.64 -24.26 -10.19
C MSE A 1 6.31 -23.02 -9.36
O MSE A 1 6.04 -21.96 -9.91
CB MSE A 1 8.00 -24.11 -10.88
CG MSE A 1 9.19 -24.16 -9.94
SE MSE A 1 10.84 -24.56 -10.85
CE MSE A 1 11.22 -22.81 -11.56
N LYS A 2 6.35 -23.18 -8.04
CA LYS A 2 6.01 -22.10 -7.11
C LYS A 2 7.19 -21.50 -6.33
N ALA A 3 7.24 -20.17 -6.25
CA ALA A 3 8.31 -19.52 -5.51
C ALA A 3 7.76 -18.54 -4.46
N ASN A 4 8.34 -18.57 -3.28
CA ASN A 4 7.96 -17.69 -2.18
C ASN A 4 9.09 -16.71 -1.97
N LEU A 5 8.77 -15.42 -1.88
CA LEU A 5 9.78 -14.40 -1.64
C LEU A 5 9.59 -13.79 -0.26
N LEU A 6 10.70 -13.60 0.45
CA LEU A 6 10.62 -12.97 1.75
C LEU A 6 11.37 -11.64 1.66
N CYS A 7 10.67 -10.54 1.95
CA CYS A 7 11.28 -9.20 1.92
C CYS A 7 11.59 -8.66 3.31
N GLY A 8 11.16 -9.35 4.36
CA GLY A 8 11.38 -8.89 5.71
C GLY A 8 10.51 -9.63 6.70
N ASN A 9 10.44 -9.15 7.95
CA ASN A 9 9.64 -9.84 8.97
C ASN A 9 8.38 -9.14 9.48
N ARG A 10 7.86 -8.18 8.73
CA ARG A 10 6.64 -7.46 9.15
C ARG A 10 5.34 -8.10 8.63
N ASN A 11 4.39 -8.28 9.54
CA ASN A 11 3.07 -8.83 9.24
C ASN A 11 3.07 -10.20 8.57
N LEU A 12 4.14 -10.96 8.78
CA LEU A 12 4.23 -12.29 8.17
C LEU A 12 3.20 -13.23 8.78
N PRO A 13 2.58 -14.08 7.94
CA PRO A 13 1.60 -15.02 8.51
C PRO A 13 2.40 -15.86 9.51
N LYS A 14 1.84 -16.09 10.69
CA LYS A 14 2.55 -16.87 11.71
C LYS A 14 2.91 -18.27 11.21
N HIS A 15 4.12 -18.71 11.54
CA HIS A 15 4.62 -20.03 11.16
C HIS A 15 4.83 -20.23 9.66
N ILE A 16 4.75 -19.17 8.86
CA ILE A 16 4.94 -19.31 7.42
C ILE A 16 6.27 -19.97 7.04
N LEU A 17 7.30 -19.82 7.87
CA LEU A 17 8.59 -20.44 7.53
C LEU A 17 8.69 -21.92 7.87
N VAL A 18 8.01 -22.34 8.94
CA VAL A 18 8.01 -23.76 9.32
C VAL A 18 7.05 -24.56 8.42
N GLU A 19 5.87 -24.01 8.20
CA GLU A 19 4.84 -24.69 7.40
C GLU A 19 5.17 -24.90 5.93
N HIS A 20 6.04 -24.07 5.38
CA HIS A 20 6.44 -24.17 3.97
C HIS A 20 7.96 -24.27 3.84
N LYS A 21 8.60 -24.81 4.88
CA LYS A 21 10.05 -24.96 4.90
C LYS A 21 10.68 -25.69 3.70
N HIS A 22 9.92 -26.55 3.04
CA HIS A 22 10.49 -27.28 1.91
C HIS A 22 10.18 -26.68 0.55
N GLU A 23 9.40 -25.61 0.49
CA GLU A 23 9.09 -25.01 -0.81
C GLU A 23 10.27 -24.16 -1.28
N HIS A 24 10.19 -23.60 -2.48
CA HIS A 24 11.28 -22.78 -2.99
C HIS A 24 11.19 -21.36 -2.41
N TRP A 25 12.23 -20.92 -1.71
CA TRP A 25 12.25 -19.58 -1.13
C TRP A 25 13.35 -18.69 -1.70
N ILE A 26 12.96 -17.44 -2.00
CA ILE A 26 13.85 -16.43 -2.56
C ILE A 26 14.01 -15.30 -1.51
N GLY A 27 15.23 -14.86 -1.26
CA GLY A 27 15.40 -13.78 -0.28
C GLY A 27 15.60 -12.40 -0.90
N ILE A 28 14.83 -11.42 -0.44
CA ILE A 28 14.95 -10.04 -0.93
C ILE A 28 15.42 -9.19 0.26
N ASP A 29 16.61 -8.60 0.13
CA ASP A 29 17.19 -7.77 1.18
C ASP A 29 17.23 -8.49 2.51
N ARG A 30 16.57 -7.95 3.52
CA ARG A 30 16.54 -8.55 4.86
C ARG A 30 15.90 -9.95 4.89
N GLY A 31 15.03 -10.25 3.93
CA GLY A 31 14.41 -11.55 3.90
C GLY A 31 15.50 -12.63 3.84
N THR A 32 16.56 -12.35 3.09
CA THR A 32 17.67 -13.31 2.95
C THR A 32 18.17 -13.85 4.29
N LEU A 33 18.59 -12.97 5.20
CA LEU A 33 19.07 -13.40 6.50
C LEU A 33 18.00 -14.10 7.35
N ILE A 34 16.74 -13.69 7.24
CA ILE A 34 15.68 -14.34 8.02
C ILE A 34 15.53 -15.79 7.55
N LEU A 35 15.63 -16.01 6.23
CA LEU A 35 15.50 -17.38 5.70
C LEU A 35 16.58 -18.29 6.26
N LEU A 36 17.83 -17.87 6.09
CA LEU A 36 18.99 -18.59 6.56
C LEU A 36 18.93 -18.87 8.06
N GLU A 37 18.58 -17.84 8.84
CA GLU A 37 18.48 -17.96 10.31
C GLU A 37 17.51 -19.07 10.71
N SER A 38 16.49 -19.27 9.89
CA SER A 38 15.48 -20.29 10.11
C SER A 38 15.97 -21.62 9.53
N GLY A 39 17.21 -21.62 9.06
CA GLY A 39 17.79 -22.83 8.50
C GLY A 39 17.26 -23.18 7.13
N ILE A 40 16.83 -22.17 6.39
CA ILE A 40 16.30 -22.35 5.06
C ILE A 40 17.29 -21.79 4.04
N THR A 41 17.62 -22.60 3.03
CA THR A 41 18.54 -22.16 1.98
C THR A 41 17.78 -21.55 0.81
N PRO A 42 17.95 -20.25 0.58
CA PRO A 42 17.27 -19.57 -0.52
C PRO A 42 17.80 -20.05 -1.88
N GLN A 43 16.90 -20.24 -2.84
CA GLN A 43 17.28 -20.64 -4.19
C GLN A 43 18.26 -19.55 -4.70
N PHE A 44 18.01 -18.31 -4.28
CA PHE A 44 18.84 -17.16 -4.64
C PHE A 44 18.33 -15.91 -3.92
N ALA A 45 19.17 -14.90 -3.82
CA ALA A 45 18.78 -13.69 -3.13
C ALA A 45 19.26 -12.42 -3.84
N VAL A 46 18.50 -11.35 -3.66
CA VAL A 46 18.83 -10.05 -4.23
C VAL A 46 18.90 -9.09 -3.06
N GLY A 47 19.84 -8.16 -3.08
CA GLY A 47 19.94 -7.21 -1.99
C GLY A 47 21.32 -7.14 -1.40
N ASP A 48 21.62 -6.01 -0.75
CA ASP A 48 22.92 -5.78 -0.13
C ASP A 48 22.22 -6.43 1.07
N PHE A 49 22.96 -7.29 1.77
CA PHE A 49 22.48 -8.04 2.95
C PHE A 49 23.81 -7.91 3.70
N ASP A 50 23.74 -7.83 5.04
CA ASP A 50 24.96 -7.68 5.84
C ASP A 50 25.68 -8.99 6.10
N SER A 51 26.98 -8.87 6.39
CA SER A 51 27.79 -10.04 6.67
C SER A 51 28.48 -9.84 8.01
N ILE A 52 28.99 -10.94 8.55
CA ILE A 52 29.67 -10.89 9.84
C ILE A 52 31.04 -11.57 9.77
N SER A 53 31.39 -12.02 8.57
CA SER A 53 32.67 -12.68 8.33
C SER A 53 32.79 -13.05 6.86
N ASP A 54 34.02 -13.06 6.35
CA ASP A 54 34.28 -13.40 4.97
C ASP A 54 33.74 -14.78 4.66
N SER A 55 33.96 -15.72 5.58
CA SER A 55 33.49 -17.09 5.41
C SER A 55 32.02 -17.07 4.98
N GLU A 56 31.23 -16.25 5.67
CA GLU A 56 29.80 -16.11 5.39
C GLU A 56 29.55 -15.46 4.03
N ARG A 57 29.94 -14.21 3.91
CA ARG A 57 29.74 -13.47 2.67
C ARG A 57 30.20 -14.29 1.47
N ASN A 58 31.30 -15.01 1.63
CA ASN A 58 31.82 -15.84 0.55
C ASN A 58 30.76 -16.88 0.18
N PHE A 59 30.18 -17.48 1.22
CA PHE A 59 29.15 -18.51 1.10
C PHE A 59 27.92 -17.95 0.40
N ILE A 60 27.32 -16.93 1.01
CA ILE A 60 26.12 -16.27 0.47
C ILE A 60 26.35 -15.70 -0.94
N GLN A 61 27.49 -15.04 -1.14
CA GLN A 61 27.80 -14.42 -2.42
C GLN A 61 28.49 -15.36 -3.40
N GLN A 62 28.02 -16.59 -3.49
CA GLN A 62 28.60 -17.56 -4.43
C GLN A 62 27.61 -18.69 -4.69
N GLN A 63 26.69 -18.90 -3.75
CA GLN A 63 25.69 -19.95 -3.91
C GLN A 63 24.27 -19.45 -3.72
N ILE A 64 24.13 -18.22 -3.23
CA ILE A 64 22.81 -17.64 -2.98
C ILE A 64 22.59 -16.28 -3.63
N GLU A 65 23.52 -15.36 -3.42
CA GLU A 65 23.40 -14.01 -3.97
C GLU A 65 23.59 -13.93 -5.49
N ILE A 66 22.58 -13.43 -6.20
CA ILE A 66 22.74 -13.24 -7.64
C ILE A 66 22.82 -11.73 -7.82
N ASN A 67 23.31 -11.28 -8.97
CA ASN A 67 23.48 -9.86 -9.25
C ASN A 67 22.90 -9.42 -10.60
N PRO A 68 21.57 -9.45 -10.74
CA PRO A 68 20.97 -9.04 -12.01
C PRO A 68 21.34 -7.62 -12.38
N TYR A 69 21.67 -7.41 -13.65
CA TYR A 69 22.06 -6.10 -14.15
C TYR A 69 20.84 -5.17 -14.31
N ASN A 70 20.96 -3.95 -13.80
CA ASN A 70 19.86 -2.98 -13.89
C ASN A 70 20.40 -1.54 -13.95
N ASP A 74 17.83 1.55 -11.07
CA ASP A 74 16.77 1.26 -12.03
C ASP A 74 15.58 0.62 -11.29
N ASP A 75 15.48 -0.71 -11.38
CA ASP A 75 14.40 -1.43 -10.71
C ASP A 75 14.73 -1.69 -9.26
N THR A 76 13.70 -1.86 -8.43
CA THR A 76 13.88 -2.13 -7.02
C THR A 76 14.38 -3.58 -6.85
N ASP A 77 14.84 -3.92 -5.64
CA ASP A 77 15.34 -5.27 -5.38
C ASP A 77 14.22 -6.30 -5.54
N LEU A 78 13.01 -5.92 -5.15
CA LEU A 78 11.88 -6.83 -5.28
C LEU A 78 11.52 -7.05 -6.75
N ALA A 79 11.62 -6.00 -7.57
CA ALA A 79 11.26 -6.14 -8.97
C ALA A 79 12.23 -7.05 -9.72
N LEU A 80 13.49 -7.02 -9.30
CA LEU A 80 14.52 -7.86 -9.91
C LEU A 80 14.27 -9.30 -9.46
N GLY A 81 14.01 -9.48 -8.16
CA GLY A 81 13.74 -10.81 -7.63
C GLY A 81 12.63 -11.48 -8.39
N ILE A 82 11.58 -10.71 -8.71
CA ILE A 82 10.43 -11.21 -9.45
C ILE A 82 10.83 -11.65 -10.85
N ASP A 83 11.39 -10.72 -11.59
CA ASP A 83 11.84 -10.98 -12.94
C ASP A 83 12.76 -12.20 -12.95
N GLN A 84 13.70 -12.23 -11.99
CA GLN A 84 14.63 -13.35 -11.88
C GLN A 84 13.95 -14.67 -11.60
N ALA A 85 12.78 -14.62 -10.94
CA ALA A 85 12.05 -15.85 -10.65
C ALA A 85 11.32 -16.28 -11.91
N VAL A 86 10.76 -15.31 -12.64
CA VAL A 86 10.05 -15.60 -13.88
C VAL A 86 11.02 -16.15 -14.92
N LYS A 87 12.26 -15.71 -14.88
CA LYS A 87 13.26 -16.20 -15.83
C LYS A 87 13.60 -17.67 -15.61
N ARG A 88 13.49 -18.13 -14.37
CA ARG A 88 13.79 -19.52 -14.03
C ARG A 88 12.57 -20.44 -14.18
N GLY A 89 11.46 -19.90 -14.67
CA GLY A 89 10.28 -20.72 -14.86
C GLY A 89 9.27 -20.79 -13.72
N TYR A 90 9.42 -19.93 -12.73
CA TYR A 90 8.48 -19.91 -11.61
C TYR A 90 7.20 -19.23 -12.12
N ARG A 91 6.07 -19.93 -12.04
CA ARG A 91 4.80 -19.38 -12.52
C ARG A 91 3.89 -18.79 -11.45
N ASN A 92 3.98 -19.35 -10.23
CA ASN A 92 3.16 -18.87 -9.13
C ASN A 92 4.13 -18.25 -8.13
N ILE A 93 3.99 -16.96 -7.89
CA ILE A 93 4.87 -16.25 -6.97
C ILE A 93 4.12 -15.62 -5.80
N ASP A 94 4.52 -15.95 -4.58
CA ASP A 94 3.91 -15.40 -3.38
C ASP A 94 4.95 -14.52 -2.69
N VAL A 95 4.65 -13.23 -2.60
CA VAL A 95 5.56 -12.29 -1.96
C VAL A 95 5.07 -12.01 -0.53
N TYR A 96 5.93 -12.30 0.42
CA TYR A 96 5.62 -12.09 1.83
C TYR A 96 6.57 -11.02 2.31
N GLY A 97 6.19 -10.32 3.38
CA GLY A 97 7.04 -9.29 3.95
C GLY A 97 7.05 -7.93 3.28
N ALA A 98 6.17 -7.73 2.29
CA ALA A 98 6.14 -6.45 1.59
C ALA A 98 5.14 -5.39 2.10
N THR A 99 4.51 -5.63 3.26
CA THR A 99 3.54 -4.65 3.81
C THR A 99 4.05 -4.07 5.14
N GLY A 100 3.42 -2.98 5.57
CA GLY A 100 3.83 -2.32 6.81
C GLY A 100 5.04 -1.42 6.63
N GLY A 101 5.49 -0.80 7.71
CA GLY A 101 6.68 0.06 7.63
C GLY A 101 6.61 1.22 6.65
N ARG A 102 7.65 1.37 5.82
CA ARG A 102 7.67 2.44 4.83
C ARG A 102 6.76 2.06 3.67
N LEU A 103 5.65 2.77 3.56
CA LEU A 103 4.65 2.50 2.53
C LEU A 103 5.07 2.78 1.09
N ASP A 104 6.09 3.60 0.89
CA ASP A 104 6.52 3.88 -0.46
C ASP A 104 6.96 2.56 -1.11
N HIS A 105 7.45 1.63 -0.29
CA HIS A 105 7.88 0.32 -0.77
C HIS A 105 6.67 -0.56 -1.08
N PHE A 106 5.72 -0.60 -0.15
CA PHE A 106 4.51 -1.40 -0.36
C PHE A 106 3.91 -1.02 -1.70
N MSE A 107 3.91 0.28 -1.99
CA MSE A 107 3.37 0.81 -3.25
C MSE A 107 4.17 0.34 -4.46
O MSE A 107 3.60 0.04 -5.52
CB MSE A 107 3.34 2.34 -3.21
CG MSE A 107 2.53 2.91 -2.03
SE MSE A 107 0.65 2.50 -2.19
CE MSE A 107 0.18 4.01 -3.27
N GLY A 108 5.49 0.30 -4.31
CA GLY A 108 6.33 -0.14 -5.41
C GLY A 108 5.99 -1.60 -5.69
N ALA A 109 5.75 -2.34 -4.61
CA ALA A 109 5.40 -3.74 -4.76
C ALA A 109 4.12 -3.85 -5.60
N LEU A 110 3.21 -2.88 -5.46
CA LEU A 110 1.97 -2.90 -6.24
C LEU A 110 2.24 -2.59 -7.72
N GLN A 111 3.22 -1.73 -7.98
CA GLN A 111 3.56 -1.41 -9.37
C GLN A 111 3.99 -2.68 -10.13
N ILE A 112 4.72 -3.57 -9.46
CA ILE A 112 5.18 -4.79 -10.10
C ILE A 112 4.03 -5.67 -10.58
N LEU A 113 3.01 -5.86 -9.74
CA LEU A 113 1.87 -6.66 -10.10
C LEU A 113 1.17 -6.09 -11.33
N GLU A 114 1.33 -4.80 -11.52
CA GLU A 114 0.68 -4.09 -12.64
C GLU A 114 1.51 -4.06 -13.91
N LYS A 115 2.74 -4.54 -13.86
CA LYS A 115 3.58 -4.54 -15.05
C LYS A 115 2.89 -5.35 -16.15
N PRO A 116 2.76 -4.76 -17.34
CA PRO A 116 2.12 -5.43 -18.49
C PRO A 116 2.91 -6.64 -18.96
N GLU A 117 4.22 -6.61 -18.75
CA GLU A 117 5.09 -7.71 -19.13
C GLU A 117 4.60 -9.04 -18.53
N TYR A 118 3.80 -8.97 -17.48
CA TYR A 118 3.29 -10.17 -16.82
C TYR A 118 1.86 -10.54 -17.24
N ALA A 119 1.12 -9.57 -17.75
CA ALA A 119 -0.26 -9.80 -18.16
C ALA A 119 -0.31 -10.82 -19.30
N LYS A 120 0.48 -10.57 -20.34
CA LYS A 120 0.52 -11.46 -21.50
C LYS A 120 0.97 -12.87 -21.10
N MSE A 121 1.98 -12.94 -20.25
CA MSE A 121 2.48 -14.22 -19.78
C MSE A 121 1.43 -14.85 -18.85
O MSE A 121 0.45 -14.21 -18.49
CB MSE A 121 3.82 -14.03 -19.05
CG MSE A 121 4.89 -13.42 -19.96
SE MSE A 121 6.52 -12.85 -19.07
CE MSE A 121 7.65 -14.35 -19.48
N ASN A 122 1.62 -16.12 -18.49
CA ASN A 122 0.66 -16.79 -17.63
C ASN A 122 1.18 -16.88 -16.20
N ILE A 123 1.66 -15.75 -15.68
CA ILE A 123 2.21 -15.67 -14.33
C ILE A 123 1.16 -15.24 -13.31
N ASN A 124 1.30 -15.74 -12.09
CA ASN A 124 0.37 -15.42 -11.00
C ASN A 124 1.13 -14.87 -9.79
N ILE A 125 1.17 -13.55 -9.66
CA ILE A 125 1.88 -12.91 -8.55
C ILE A 125 0.90 -12.43 -7.47
N LYS A 126 1.15 -12.82 -6.21
CA LYS A 126 0.30 -12.39 -5.10
C LYS A 126 1.13 -11.86 -3.94
N LEU A 127 0.68 -10.75 -3.35
CA LEU A 127 1.35 -10.15 -2.17
C LEU A 127 0.54 -10.73 -1.03
N ILE A 128 1.21 -11.21 0.01
CA ILE A 128 0.51 -11.81 1.12
C ILE A 128 1.06 -11.46 2.50
N ASP A 129 0.16 -11.17 3.44
CA ASP A 129 0.58 -10.94 4.83
C ASP A 129 -0.44 -11.64 5.73
N ASP A 130 -0.28 -11.51 7.04
CA ASP A 130 -1.18 -12.18 7.98
C ASP A 130 -2.66 -11.85 7.86
N THR A 131 -3.02 -10.77 7.15
CA THR A 131 -4.42 -10.36 7.03
C THR A 131 -4.93 -10.14 5.59
N ASN A 132 -4.04 -10.14 4.60
CA ASN A 132 -4.46 -9.85 3.23
C ASN A 132 -3.81 -10.71 2.14
N GLU A 133 -4.44 -10.66 0.98
CA GLU A 133 -3.98 -11.34 -0.22
C GLU A 133 -4.35 -10.35 -1.31
N ILE A 134 -3.37 -9.98 -2.14
CA ILE A 134 -3.59 -9.00 -3.21
C ILE A 134 -3.04 -9.45 -4.56
N GLN A 135 -3.80 -9.23 -5.62
CA GLN A 135 -3.36 -9.58 -6.97
C GLN A 135 -4.01 -8.68 -7.99
N PHE A 136 -3.34 -8.52 -9.13
CA PHE A 136 -3.81 -7.67 -10.22
C PHE A 136 -4.71 -8.49 -11.17
N ILE A 137 -5.75 -7.86 -11.70
CA ILE A 137 -6.67 -8.54 -12.62
C ILE A 137 -6.88 -7.63 -13.80
N GLN A 138 -6.48 -8.11 -14.98
CA GLN A 138 -6.57 -7.34 -16.20
C GLN A 138 -7.90 -7.54 -16.92
N LYS A 139 -8.09 -6.79 -18.01
CA LYS A 139 -9.32 -6.88 -18.80
C LYS A 139 -9.61 -8.33 -19.19
N GLY A 140 -10.82 -8.78 -18.87
CA GLY A 140 -11.19 -10.15 -19.17
C GLY A 140 -12.24 -10.60 -18.17
N GLN A 141 -12.54 -11.90 -18.18
CA GLN A 141 -13.54 -12.46 -17.27
C GLN A 141 -12.86 -13.50 -16.40
N PHE A 142 -13.18 -13.50 -15.10
CA PHE A 142 -12.57 -14.44 -14.17
C PHE A 142 -13.51 -14.76 -13.02
N ASN A 143 -13.25 -15.86 -12.32
CA ASN A 143 -14.09 -16.26 -11.18
C ASN A 143 -13.39 -16.01 -9.85
N VAL A 144 -13.36 -17.05 -9.01
CA VAL A 144 -12.73 -16.96 -7.70
C VAL A 144 -11.70 -18.07 -7.49
N PHE A 150 -10.67 -15.62 4.10
CA PHE A 150 -10.79 -14.19 3.81
C PHE A 150 -12.20 -13.83 3.33
N PRO A 151 -13.13 -13.58 4.28
CA PRO A 151 -14.51 -13.24 3.92
C PRO A 151 -14.71 -11.94 3.14
N TYR A 152 -13.79 -10.99 3.30
CA TYR A 152 -13.91 -9.72 2.61
C TYR A 152 -13.18 -9.66 1.27
N ILE A 153 -13.85 -9.06 0.27
CA ILE A 153 -13.27 -8.93 -1.06
C ILE A 153 -13.50 -7.51 -1.56
N SER A 154 -12.45 -6.88 -2.06
CA SER A 154 -12.57 -5.53 -2.58
C SER A 154 -11.81 -5.41 -3.89
N PHE A 155 -12.29 -4.51 -4.75
CA PHE A 155 -11.68 -4.25 -6.03
C PHE A 155 -11.34 -2.76 -6.11
N ILE A 156 -10.08 -2.48 -6.42
CA ILE A 156 -9.59 -1.11 -6.55
C ILE A 156 -9.09 -0.94 -7.98
N PRO A 157 -9.64 0.05 -8.73
CA PRO A 157 -9.18 0.24 -10.10
C PRO A 157 -7.73 0.73 -10.19
N VAL A 158 -7.07 0.41 -11.30
CA VAL A 158 -5.69 0.82 -11.51
C VAL A 158 -5.60 1.85 -12.63
N ILE A 159 -6.39 1.65 -13.67
CA ILE A 159 -6.41 2.56 -14.82
C ILE A 159 -7.84 2.82 -15.27
N PRO A 161 -12.22 2.07 -16.13
CA PRO A 161 -12.45 0.71 -15.66
C PRO A 161 -13.93 0.38 -15.44
N THR A 162 -14.46 -0.56 -16.22
CA THR A 162 -15.85 -0.99 -16.10
C THR A 162 -15.87 -2.40 -15.54
N VAL A 163 -16.83 -2.66 -14.66
CA VAL A 163 -16.90 -3.94 -13.97
C VAL A 163 -18.31 -4.52 -13.79
N ILE A 164 -18.39 -5.84 -13.75
CA ILE A 164 -19.65 -6.55 -13.55
C ILE A 164 -19.40 -7.78 -12.65
N SER A 165 -20.07 -7.80 -11.50
CA SER A 165 -19.94 -8.91 -10.55
C SER A 165 -21.26 -9.66 -10.39
N LEU A 166 -21.20 -10.88 -9.89
CA LEU A 166 -22.40 -11.68 -9.70
C LEU A 166 -22.66 -12.09 -8.25
N LYS A 167 -22.03 -13.17 -7.82
CA LYS A 167 -22.19 -13.71 -6.47
C LYS A 167 -21.99 -12.70 -5.33
N GLY A 168 -21.31 -11.60 -5.61
CA GLY A 168 -21.09 -10.60 -4.58
C GLY A 168 -22.36 -9.81 -4.30
N PHE A 169 -22.70 -8.95 -5.24
CA PHE A 169 -23.89 -8.12 -5.15
C PHE A 169 -24.29 -7.69 -6.56
N LYS A 170 -24.61 -6.40 -6.72
CA LYS A 170 -25.01 -5.88 -8.02
C LYS A 170 -23.84 -5.76 -8.98
N TYR A 171 -23.46 -4.53 -9.30
CA TYR A 171 -22.35 -4.26 -10.20
C TYR A 171 -22.57 -4.81 -11.61
N ASN A 172 -23.25 -4.03 -12.45
CA ASN A 172 -23.51 -4.40 -13.83
C ASN A 172 -23.03 -3.25 -14.70
N LEU A 173 -22.04 -3.50 -15.54
CA LEU A 173 -21.45 -2.48 -16.41
C LEU A 173 -21.20 -1.25 -15.54
N GLN A 174 -20.78 -1.51 -14.30
CA GLN A 174 -20.51 -0.46 -13.34
C GLN A 174 -19.19 0.22 -13.61
N ASN A 175 -19.24 1.51 -13.90
CA ASN A 175 -18.04 2.27 -14.19
C ASN A 175 -17.33 2.62 -12.87
N GLU A 176 -16.02 2.82 -12.95
CA GLU A 176 -15.23 3.16 -11.77
C GLU A 176 -14.88 4.65 -11.76
N LEU A 184 -18.01 2.11 -2.49
CA LEU A 184 -18.65 1.21 -3.45
C LEU A 184 -18.41 -0.23 -3.04
N THR A 185 -17.87 -1.04 -3.95
CA THR A 185 -17.57 -2.44 -3.67
C THR A 185 -16.20 -2.51 -3.01
N ILE A 186 -15.97 -1.63 -2.05
CA ILE A 186 -14.69 -1.57 -1.35
C ILE A 186 -14.73 -2.41 -0.08
N SER A 187 -15.50 -3.50 -0.11
CA SER A 187 -15.59 -4.43 1.01
C SER A 187 -16.74 -5.42 0.85
N ASN A 188 -16.73 -6.16 -0.26
CA ASN A 188 -17.77 -7.16 -0.52
C ASN A 188 -17.63 -8.34 0.42
N GLU A 189 -18.52 -9.33 0.26
CA GLU A 189 -18.49 -10.53 1.10
C GLU A 189 -19.06 -11.76 0.41
N LEU A 190 -18.55 -12.08 -0.77
CA LEU A 190 -19.02 -13.25 -1.51
C LEU A 190 -18.12 -13.57 -2.69
N CYS A 194 -16.89 -20.04 -7.13
CA CYS A 194 -18.31 -19.92 -6.85
C CYS A 194 -18.74 -18.47 -6.87
N GLY A 195 -18.20 -17.71 -7.81
CA GLY A 195 -18.51 -16.29 -7.96
C GLY A 195 -17.91 -15.77 -9.27
N ASN A 196 -18.56 -14.77 -9.86
CA ASN A 196 -18.10 -14.24 -11.14
C ASN A 196 -17.76 -12.74 -11.11
N ILE A 197 -16.78 -12.36 -11.93
CA ILE A 197 -16.36 -10.97 -12.03
C ILE A 197 -15.74 -10.75 -13.41
N GLU A 198 -16.26 -9.76 -14.13
CA GLU A 198 -15.77 -9.47 -15.48
C GLU A 198 -15.32 -8.02 -15.63
N ILE A 199 -14.08 -7.84 -16.04
CA ILE A 199 -13.54 -6.51 -16.24
C ILE A 199 -13.77 -6.14 -17.70
N ILE A 200 -14.79 -5.32 -17.94
CA ILE A 200 -15.13 -4.88 -19.29
C ILE A 200 -14.07 -3.91 -19.82
N GLU A 201 -13.55 -3.07 -18.92
CA GLU A 201 -12.52 -2.10 -19.29
C GLU A 201 -11.61 -1.79 -18.12
N GLY A 202 -10.37 -1.44 -18.45
CA GLY A 202 -9.40 -1.11 -17.42
C GLY A 202 -8.84 -2.31 -16.68
N SER A 203 -8.35 -2.07 -15.47
CA SER A 203 -7.75 -3.09 -14.62
C SER A 203 -8.01 -2.77 -13.15
N VAL A 204 -8.07 -3.80 -12.33
CA VAL A 204 -8.31 -3.59 -10.89
C VAL A 204 -7.49 -4.52 -10.01
N LEU A 205 -7.13 -4.03 -8.83
CA LEU A 205 -6.40 -4.84 -7.88
C LEU A 205 -7.48 -5.51 -7.05
N MSE A 206 -7.32 -6.79 -6.80
CA MSE A 206 -8.31 -7.48 -5.99
C MSE A 206 -7.62 -7.72 -4.65
O MSE A 206 -6.50 -8.20 -4.62
CB MSE A 206 -8.70 -8.81 -6.62
CG MSE A 206 -9.49 -9.69 -5.67
SE MSE A 206 -9.97 -11.23 -6.45
CE MSE A 206 -11.38 -11.59 -5.47
N ILE A 207 -8.29 -7.37 -3.56
CA ILE A 207 -7.72 -7.56 -2.24
C ILE A 207 -8.66 -8.31 -1.32
N ARG A 208 -8.20 -9.45 -0.83
CA ARG A 208 -9.02 -10.25 0.07
C ARG A 208 -8.54 -10.03 1.49
N SER A 209 -9.48 -9.82 2.40
CA SER A 209 -9.15 -9.57 3.80
C SER A 209 -9.87 -10.54 4.72
N LYS A 210 -9.39 -10.66 5.94
CA LYS A 210 -10.03 -11.54 6.89
C LYS A 210 -10.74 -10.65 7.90
N ASP A 211 -11.66 -11.25 8.67
CA ASP A 211 -12.41 -10.51 9.67
C ASP A 211 -11.61 -10.42 10.95
N GLU A 212 -11.12 -9.22 11.27
CA GLU A 212 -10.34 -9.03 12.48
C GLU A 212 -11.21 -8.56 13.64
N MSE B 1 -9.14 25.91 9.48
CA MSE B 1 -9.37 24.98 10.63
C MSE B 1 -8.83 23.58 10.32
O MSE B 1 -9.01 23.04 9.22
CB MSE B 1 -10.87 24.89 10.97
CG MSE B 1 -11.15 24.39 12.42
SE MSE B 1 -12.98 23.81 12.76
CE MSE B 1 -13.72 25.49 13.43
N LYS B 2 -8.16 22.98 11.30
CA LYS B 2 -7.61 21.65 11.11
C LYS B 2 -8.51 20.58 11.72
N ALA B 3 -8.69 19.48 10.97
CA ALA B 3 -9.49 18.37 11.43
C ALA B 3 -8.60 17.12 11.56
N ASN B 4 -8.79 16.38 12.64
CA ASN B 4 -8.03 15.16 12.89
C ASN B 4 -9.03 14.00 12.83
N LEU B 5 -8.83 13.06 11.92
CA LEU B 5 -9.73 11.92 11.84
C LEU B 5 -9.06 10.67 12.41
N LEU B 6 -9.80 9.88 13.18
CA LEU B 6 -9.25 8.65 13.74
C LEU B 6 -10.13 7.48 13.30
N CYS B 7 -9.59 6.58 12.48
CA CYS B 7 -10.35 5.42 12.04
C CYS B 7 -9.62 4.10 12.32
N GLY B 8 -9.00 4.01 13.49
CA GLY B 8 -8.26 2.81 13.85
C GLY B 8 -7.24 3.11 14.95
N ASN B 9 -6.53 2.08 15.41
CA ASN B 9 -5.53 2.26 16.46
C ASN B 9 -4.20 1.64 16.09
N ARG B 10 -4.08 1.22 14.83
CA ARG B 10 -2.84 0.61 14.36
C ARG B 10 -1.87 1.64 13.78
N ASN B 11 -0.60 1.53 14.17
CA ASN B 11 0.47 2.41 13.68
C ASN B 11 0.32 3.90 13.97
N LEU B 12 -0.38 4.24 15.05
CA LEU B 12 -0.59 5.65 15.41
C LEU B 12 0.69 6.28 15.96
N PRO B 13 1.01 7.52 15.54
CA PRO B 13 2.22 8.15 16.09
C PRO B 13 2.07 8.11 17.61
N LYS B 14 3.20 8.11 18.31
CA LYS B 14 3.15 8.07 19.77
C LYS B 14 2.53 9.30 20.41
N HIS B 15 1.69 9.07 21.41
CA HIS B 15 1.04 10.13 22.16
C HIS B 15 0.19 11.11 21.32
N ILE B 16 -0.20 10.70 20.11
CA ILE B 16 -1.01 11.58 19.26
C ILE B 16 -2.31 12.01 19.97
N LEU B 17 -2.94 11.08 20.68
CA LEU B 17 -4.19 11.36 21.37
C LEU B 17 -4.07 12.19 22.65
N VAL B 18 -2.89 12.24 23.24
CA VAL B 18 -2.69 12.99 24.47
C VAL B 18 -2.08 14.36 24.19
N GLU B 19 -1.22 14.42 23.19
CA GLU B 19 -0.54 15.67 22.81
C GLU B 19 -1.48 16.57 22.01
N HIS B 20 -2.53 15.97 21.44
CA HIS B 20 -3.49 16.69 20.60
C HIS B 20 -4.92 16.51 21.10
N LYS B 21 -5.07 16.16 22.36
CA LYS B 21 -6.37 15.93 22.96
C LYS B 21 -7.37 17.08 22.85
N HIS B 22 -6.90 18.31 22.69
CA HIS B 22 -7.81 19.45 22.61
C HIS B 22 -8.06 20.01 21.21
N GLU B 23 -7.70 19.24 20.18
CA GLU B 23 -7.93 19.68 18.81
C GLU B 23 -9.24 19.09 18.30
N HIS B 24 -9.63 19.43 17.08
CA HIS B 24 -10.88 18.90 16.54
C HIS B 24 -10.74 17.46 16.03
N TRP B 25 -11.37 16.52 16.71
CA TRP B 25 -11.30 15.12 16.30
C TRP B 25 -12.60 14.60 15.71
N ILE B 26 -12.47 13.72 14.73
CA ILE B 26 -13.61 13.11 14.08
C ILE B 26 -13.44 11.58 14.11
N GLY B 27 -14.47 10.88 14.54
CA GLY B 27 -14.43 9.44 14.61
C GLY B 27 -14.91 8.77 13.34
N ILE B 28 -14.24 7.69 12.94
CA ILE B 28 -14.60 6.97 11.74
C ILE B 28 -14.64 5.47 11.98
N ASP B 29 -15.84 4.94 12.22
CA ASP B 29 -16.01 3.52 12.47
C ASP B 29 -15.64 3.15 13.90
N ARG B 30 -14.46 2.56 14.06
CA ARG B 30 -13.99 2.15 15.38
C ARG B 30 -13.16 3.25 16.03
N GLY B 31 -12.66 4.18 15.22
CA GLY B 31 -11.86 5.27 15.71
C GLY B 31 -12.68 6.02 16.76
N THR B 32 -13.98 6.12 16.51
CA THR B 32 -14.92 6.80 17.41
C THR B 32 -14.81 6.26 18.84
N LEU B 33 -14.89 4.95 18.95
CA LEU B 33 -14.81 4.29 20.25
C LEU B 33 -13.47 4.60 20.94
N ILE B 34 -12.37 4.54 20.18
CA ILE B 34 -11.05 4.84 20.73
C ILE B 34 -10.96 6.25 21.29
N LEU B 35 -11.58 7.19 20.59
CA LEU B 35 -11.58 8.59 21.01
C LEU B 35 -12.36 8.74 22.32
N LEU B 36 -13.51 8.09 22.40
CA LEU B 36 -14.32 8.16 23.62
C LEU B 36 -13.57 7.55 24.80
N GLU B 37 -12.86 6.46 24.56
CA GLU B 37 -12.10 5.78 25.61
C GLU B 37 -10.88 6.60 26.03
N SER B 38 -10.53 7.60 25.23
CA SER B 38 -9.39 8.46 25.54
C SER B 38 -9.87 9.80 26.09
N GLY B 39 -11.17 9.89 26.39
CA GLY B 39 -11.71 11.13 26.92
C GLY B 39 -11.85 12.27 25.91
N ILE B 40 -12.03 11.94 24.63
CA ILE B 40 -12.17 12.97 23.59
C ILE B 40 -13.56 12.97 22.96
N THR B 41 -14.21 14.12 22.94
CA THR B 41 -15.55 14.20 22.34
C THR B 41 -15.41 14.57 20.87
N PRO B 42 -15.77 13.66 19.96
CA PRO B 42 -15.70 13.88 18.52
C PRO B 42 -16.66 14.98 18.07
N GLN B 43 -16.22 15.80 17.11
CA GLN B 43 -17.05 16.86 16.57
C GLN B 43 -18.27 16.14 15.98
N PHE B 44 -18.01 14.95 15.42
CA PHE B 44 -19.04 14.10 14.84
C PHE B 44 -18.41 12.75 14.53
N ALA B 45 -19.24 11.73 14.31
CA ALA B 45 -18.74 10.40 14.03
C ALA B 45 -19.47 9.77 12.85
N VAL B 46 -18.80 8.86 12.16
CA VAL B 46 -19.40 8.20 11.01
C VAL B 46 -19.15 6.70 11.05
N GLY B 47 -20.11 5.94 10.55
CA GLY B 47 -19.96 4.49 10.52
C GLY B 47 -20.42 3.80 11.78
N ASP B 48 -20.92 2.57 11.60
CA ASP B 48 -21.41 1.75 12.70
C ASP B 48 -20.27 1.15 13.53
N PHE B 49 -20.61 0.66 14.72
CA PHE B 49 -19.65 0.06 15.66
C PHE B 49 -18.79 1.11 16.34
N GLU B 56 -23.66 9.96 12.75
CA GLU B 56 -23.23 8.77 12.03
C GLU B 56 -23.78 8.76 10.60
N ARG B 57 -25.09 8.59 10.48
CA ARG B 57 -25.74 8.55 9.18
C ARG B 57 -26.70 9.73 9.00
N ASN B 58 -27.18 10.27 10.12
CA ASN B 58 -28.11 11.39 10.11
C ASN B 58 -27.40 12.73 10.09
N PHE B 59 -26.09 12.71 9.83
CA PHE B 59 -25.30 13.94 9.78
C PHE B 59 -25.85 14.84 8.68
N ILE B 60 -25.00 15.70 8.12
CA ILE B 60 -25.43 16.59 7.05
C ILE B 60 -26.57 17.48 7.52
N ASP B 74 -23.26 4.09 -1.32
CA ASP B 74 -22.44 4.61 -2.40
C ASP B 74 -21.01 4.96 -1.95
N ASP B 75 -20.87 5.43 -0.70
CA ASP B 75 -19.56 5.79 -0.18
C ASP B 75 -19.19 5.06 1.10
N THR B 76 -17.89 4.99 1.37
CA THR B 76 -17.36 4.34 2.56
C THR B 76 -17.46 5.32 3.73
N ASP B 77 -17.44 4.80 4.95
CA ASP B 77 -17.51 5.65 6.12
C ASP B 77 -16.44 6.75 6.16
N LEU B 78 -15.21 6.43 5.75
CA LEU B 78 -14.14 7.42 5.75
C LEU B 78 -14.34 8.45 4.64
N ALA B 79 -14.88 8.02 3.51
CA ALA B 79 -15.11 8.94 2.40
C ALA B 79 -16.21 9.90 2.86
N LEU B 80 -17.16 9.36 3.61
CA LEU B 80 -18.24 10.16 4.14
C LEU B 80 -17.72 11.18 5.17
N GLY B 81 -16.97 10.69 6.15
CA GLY B 81 -16.43 11.57 7.17
C GLY B 81 -15.56 12.71 6.63
N ILE B 82 -14.74 12.41 5.63
CA ILE B 82 -13.86 13.42 5.04
C ILE B 82 -14.66 14.41 4.21
N ASP B 83 -15.67 13.91 3.51
CA ASP B 83 -16.49 14.78 2.68
C ASP B 83 -17.21 15.77 3.58
N GLN B 84 -17.68 15.30 4.73
CA GLN B 84 -18.36 16.16 5.68
C GLN B 84 -17.38 17.19 6.25
N ALA B 85 -16.13 16.78 6.47
CA ALA B 85 -15.13 17.70 6.99
C ALA B 85 -14.92 18.82 5.97
N VAL B 86 -14.70 18.44 4.72
CA VAL B 86 -14.49 19.39 3.63
C VAL B 86 -15.67 20.37 3.52
N LYS B 87 -16.88 19.82 3.55
CA LYS B 87 -18.10 20.64 3.47
C LYS B 87 -18.21 21.58 4.67
N ARG B 88 -17.66 21.17 5.80
CA ARG B 88 -17.71 21.98 7.00
C ARG B 88 -16.60 23.02 7.07
N GLY B 89 -15.93 23.20 5.94
CA GLY B 89 -14.88 24.21 5.86
C GLY B 89 -13.49 23.89 6.34
N TYR B 90 -13.24 22.67 6.80
CA TYR B 90 -11.91 22.31 7.24
C TYR B 90 -10.98 22.35 6.02
N ARG B 91 -9.79 22.93 6.19
CA ARG B 91 -8.84 23.00 5.08
C ARG B 91 -7.67 22.03 5.30
N ASN B 92 -7.34 21.79 6.56
CA ASN B 92 -6.26 20.88 6.93
C ASN B 92 -6.87 19.64 7.55
N ILE B 93 -6.79 18.54 6.84
CA ILE B 93 -7.35 17.28 7.29
C ILE B 93 -6.27 16.20 7.37
N ASP B 94 -6.00 15.73 8.59
CA ASP B 94 -5.00 14.68 8.80
C ASP B 94 -5.71 13.40 9.23
N VAL B 95 -5.46 12.31 8.50
CA VAL B 95 -6.10 11.02 8.77
C VAL B 95 -5.18 10.03 9.50
N TYR B 96 -5.65 9.54 10.63
CA TYR B 96 -4.88 8.61 11.46
C TYR B 96 -5.58 7.27 11.55
N GLY B 97 -4.77 6.23 11.76
CA GLY B 97 -5.32 4.89 11.86
C GLY B 97 -5.83 4.35 10.53
N ALA B 98 -5.35 4.88 9.40
CA ALA B 98 -5.83 4.35 8.13
C ALA B 98 -4.88 3.32 7.47
N THR B 99 -3.75 3.02 8.12
CA THR B 99 -2.81 2.03 7.57
C THR B 99 -2.77 0.79 8.49
N GLY B 100 -2.42 -0.37 7.91
CA GLY B 100 -2.36 -1.59 8.70
C GLY B 100 -3.60 -2.47 8.61
N GLY B 101 -3.57 -3.63 9.24
CA GLY B 101 -4.72 -4.53 9.21
C GLY B 101 -5.24 -4.73 7.79
N ARG B 102 -6.55 -4.62 7.59
CA ARG B 102 -7.15 -4.78 6.27
C ARG B 102 -6.65 -3.70 5.34
N LEU B 103 -6.02 -4.10 4.23
CA LEU B 103 -5.44 -3.14 3.29
C LEU B 103 -6.40 -2.49 2.30
N ASP B 104 -7.57 -3.09 2.09
CA ASP B 104 -8.53 -2.49 1.19
C ASP B 104 -8.96 -1.16 1.82
N HIS B 105 -9.00 -1.15 3.16
CA HIS B 105 -9.35 0.04 3.92
C HIS B 105 -8.29 1.12 3.70
N PHE B 106 -7.02 0.72 3.65
CA PHE B 106 -5.96 1.68 3.40
C PHE B 106 -6.05 2.20 1.96
N MSE B 107 -6.36 1.31 1.00
CA MSE B 107 -6.49 1.68 -0.41
C MSE B 107 -7.71 2.58 -0.60
O MSE B 107 -7.70 3.50 -1.42
CB MSE B 107 -6.64 0.44 -1.28
CG MSE B 107 -5.47 -0.58 -1.15
SE MSE B 107 -3.89 -0.02 -2.10
CE MSE B 107 -3.08 1.02 -0.78
N GLY B 108 -8.78 2.30 0.15
CA GLY B 108 -9.96 3.14 0.07
C GLY B 108 -9.55 4.56 0.42
N ALA B 109 -8.71 4.70 1.43
CA ALA B 109 -8.21 6.00 1.87
C ALA B 109 -7.47 6.71 0.73
N LEU B 110 -6.54 6.02 0.09
CA LEU B 110 -5.78 6.60 -1.02
C LEU B 110 -6.72 7.08 -2.12
N GLN B 111 -7.79 6.35 -2.34
CA GLN B 111 -8.76 6.74 -3.35
C GLN B 111 -9.23 8.17 -3.04
N ILE B 112 -9.71 8.36 -1.81
CA ILE B 112 -10.20 9.66 -1.33
C ILE B 112 -9.27 10.80 -1.72
N LEU B 113 -8.00 10.66 -1.35
CA LEU B 113 -7.01 11.68 -1.65
C LEU B 113 -7.02 12.06 -3.13
N GLU B 114 -7.47 11.12 -3.96
CA GLU B 114 -7.49 11.31 -5.40
C GLU B 114 -8.74 11.96 -5.98
N LYS B 115 -9.82 11.99 -5.21
CA LYS B 115 -11.06 12.60 -5.69
C LYS B 115 -10.74 13.89 -6.42
N PRO B 116 -11.21 14.01 -7.68
CA PRO B 116 -10.98 15.21 -8.50
C PRO B 116 -11.69 16.41 -7.89
N GLU B 117 -12.75 16.14 -7.13
CA GLU B 117 -13.53 17.17 -6.46
C GLU B 117 -12.66 18.01 -5.52
N TYR B 118 -11.67 17.37 -4.89
CA TYR B 118 -10.77 18.07 -3.97
C TYR B 118 -9.53 18.59 -4.68
N ALA B 119 -9.63 18.76 -6.00
CA ALA B 119 -8.52 19.26 -6.79
C ALA B 119 -8.56 20.78 -6.88
N LYS B 120 -9.68 21.30 -7.37
CA LYS B 120 -9.85 22.75 -7.51
C LYS B 120 -9.67 23.47 -6.18
N MSE B 121 -10.34 22.98 -5.15
CA MSE B 121 -10.27 23.57 -3.82
C MSE B 121 -8.84 23.70 -3.30
O MSE B 121 -7.95 22.99 -3.75
CB MSE B 121 -11.09 22.72 -2.85
CG MSE B 121 -12.45 22.34 -3.38
SE MSE B 121 -13.37 21.17 -2.16
CE MSE B 121 -15.14 21.25 -2.95
N ASN B 122 -8.65 24.60 -2.35
CA ASN B 122 -7.34 24.82 -1.75
C ASN B 122 -7.26 24.00 -0.47
N ILE B 123 -7.65 22.74 -0.58
CA ILE B 123 -7.68 21.80 0.53
C ILE B 123 -6.38 21.00 0.63
N ASN B 124 -6.12 20.42 1.79
CA ASN B 124 -4.94 19.63 2.01
C ASN B 124 -5.28 18.43 2.90
N ILE B 125 -5.21 17.24 2.32
CA ILE B 125 -5.53 16.01 3.04
C ILE B 125 -4.34 15.07 3.02
N LYS B 126 -4.08 14.41 4.14
CA LYS B 126 -2.97 13.48 4.18
C LYS B 126 -3.19 12.36 5.16
N LEU B 127 -2.59 11.21 4.87
CA LEU B 127 -2.72 10.06 5.75
C LEU B 127 -1.43 10.06 6.53
N ILE B 128 -1.54 9.90 7.84
CA ILE B 128 -0.37 9.91 8.68
C ILE B 128 -0.38 8.70 9.58
N ASP B 129 0.79 8.09 9.75
CA ASP B 129 0.94 6.97 10.65
C ASP B 129 2.29 7.19 11.33
N ASP B 130 2.71 6.31 12.22
CA ASP B 130 3.98 6.50 12.92
C ASP B 130 5.22 6.58 12.02
N THR B 131 5.09 6.19 10.76
CA THR B 131 6.24 6.19 9.87
C THR B 131 6.08 6.93 8.53
N ASN B 132 4.84 7.22 8.14
CA ASN B 132 4.59 7.89 6.86
C ASN B 132 3.64 9.08 6.91
N GLU B 133 3.59 9.79 5.79
CA GLU B 133 2.74 10.95 5.59
C GLU B 133 2.47 10.93 4.10
N ILE B 134 1.25 10.56 3.73
CA ILE B 134 0.87 10.45 2.33
C ILE B 134 -0.06 11.54 1.86
N GLN B 135 0.31 12.14 0.74
CA GLN B 135 -0.42 13.23 0.13
C GLN B 135 -0.49 13.01 -1.38
N PHE B 136 -1.52 13.54 -2.01
CA PHE B 136 -1.72 13.41 -3.45
C PHE B 136 -1.36 14.70 -4.17
N ILE B 137 -0.16 14.77 -4.73
CA ILE B 137 0.29 15.96 -5.47
C ILE B 137 -0.22 15.87 -6.90
N GLN B 138 -1.07 16.80 -7.29
CA GLN B 138 -1.64 16.81 -8.63
C GLN B 138 -0.80 17.59 -9.63
N LYS B 139 -1.29 17.67 -10.87
CA LYS B 139 -0.60 18.38 -11.95
C LYS B 139 -0.31 19.84 -11.63
N GLY B 140 0.97 20.20 -11.68
CA GLY B 140 1.37 21.56 -11.39
C GLY B 140 2.78 21.63 -10.83
N GLN B 141 3.02 22.56 -9.91
CA GLN B 141 4.34 22.71 -9.30
C GLN B 141 4.18 23.08 -7.83
N PHE B 142 4.83 22.31 -6.96
CA PHE B 142 4.76 22.54 -5.52
C PHE B 142 6.14 22.59 -4.86
N ASN B 143 6.19 23.13 -3.65
CA ASN B 143 7.43 23.24 -2.89
C ASN B 143 7.48 22.17 -1.81
N VAL B 144 8.67 21.84 -1.33
CA VAL B 144 8.82 20.82 -0.30
C VAL B 144 9.87 21.21 0.76
N THR B 145 9.40 21.51 1.96
CA THR B 145 10.28 21.88 3.06
C THR B 145 10.83 20.60 3.68
N TYR B 146 11.99 20.70 4.31
CA TYR B 146 12.62 19.55 4.95
C TYR B 146 11.88 19.24 6.25
N SER B 147 12.16 18.07 6.81
CA SER B 147 11.55 17.67 8.07
C SER B 147 12.56 16.89 8.92
N GLU B 148 12.42 16.99 10.23
CA GLU B 148 13.33 16.33 11.17
C GLU B 148 13.20 14.81 11.18
N GLN B 149 11.99 14.31 11.42
CA GLN B 149 11.75 12.88 11.48
C GLN B 149 11.59 12.17 10.13
N PHE B 150 11.20 12.92 9.10
CA PHE B 150 11.00 12.34 7.77
C PHE B 150 12.12 12.69 6.77
N PRO B 151 13.12 11.81 6.64
CA PRO B 151 14.21 12.07 5.70
C PRO B 151 13.94 11.66 4.25
N TYR B 152 13.20 10.56 4.07
CA TYR B 152 12.91 10.08 2.72
C TYR B 152 11.65 10.66 2.09
N ILE B 153 11.68 10.73 0.76
CA ILE B 153 10.58 11.24 -0.04
C ILE B 153 10.45 10.30 -1.25
N SER B 154 9.23 10.06 -1.71
CA SER B 154 9.01 9.21 -2.87
C SER B 154 7.75 9.66 -3.60
N PHE B 155 7.76 9.52 -4.92
CA PHE B 155 6.60 9.92 -5.72
C PHE B 155 6.08 8.68 -6.45
N ILE B 156 4.77 8.47 -6.37
CA ILE B 156 4.14 7.31 -7.00
C ILE B 156 3.06 7.79 -7.94
N PRO B 157 3.24 7.59 -9.25
CA PRO B 157 2.22 8.04 -10.19
C PRO B 157 0.88 7.36 -9.92
N VAL B 158 -0.19 8.12 -10.14
CA VAL B 158 -1.55 7.64 -9.95
C VAL B 158 -2.09 7.34 -11.35
N TYR B 160 0.16 9.20 -17.80
CA TYR B 160 1.61 9.39 -17.88
C TYR B 160 2.04 10.63 -17.08
N PRO B 161 2.75 10.43 -15.96
CA PRO B 161 3.20 11.56 -15.14
C PRO B 161 4.71 11.81 -15.26
N THR B 162 5.09 12.98 -15.77
CA THR B 162 6.51 13.32 -15.88
C THR B 162 6.80 14.40 -14.85
N VAL B 163 7.92 14.25 -14.15
CA VAL B 163 8.29 15.19 -13.09
C VAL B 163 9.71 15.76 -13.20
N ILE B 164 9.91 16.93 -12.59
CA ILE B 164 11.19 17.61 -12.58
C ILE B 164 11.42 18.12 -11.16
N SER B 165 12.52 17.68 -10.52
CA SER B 165 12.82 18.11 -9.16
C SER B 165 14.14 18.91 -9.11
N LEU B 166 14.79 18.88 -7.95
CA LEU B 166 16.05 19.58 -7.77
C LEU B 166 17.20 18.58 -7.92
N LYS B 167 16.86 17.35 -8.30
CA LYS B 167 17.85 16.29 -8.47
C LYS B 167 17.50 15.44 -9.69
N GLY B 168 16.62 15.96 -10.55
CA GLY B 168 16.21 15.24 -11.73
C GLY B 168 15.03 15.89 -12.43
N THR B 177 2.24 0.98 -13.18
CA THR B 177 2.95 -0.23 -13.57
C THR B 177 4.44 -0.06 -13.34
N LEU B 178 4.96 1.11 -13.73
CA LEU B 178 6.37 1.45 -13.59
C LEU B 178 6.82 1.09 -12.16
N LYS B 179 7.96 0.42 -12.05
CA LYS B 179 8.48 0.02 -10.74
C LYS B 179 9.97 0.33 -10.63
N LEU B 180 10.31 1.61 -10.61
CA LEU B 180 11.70 2.04 -10.53
C LEU B 180 12.00 2.81 -9.24
N GLY B 181 13.22 2.62 -8.73
CA GLY B 181 13.61 3.32 -7.51
C GLY B 181 14.13 4.70 -7.84
N SER B 182 13.90 5.14 -9.07
CA SER B 182 14.34 6.45 -9.53
C SER B 182 13.73 7.59 -8.70
N THR B 183 12.43 7.52 -8.46
CA THR B 183 11.73 8.54 -7.68
C THR B 183 11.30 8.03 -6.30
N LEU B 184 12.08 7.12 -5.74
CA LEU B 184 11.76 6.58 -4.42
C LEU B 184 12.70 7.12 -3.35
N THR B 185 13.14 6.25 -2.45
CA THR B 185 14.04 6.65 -1.37
C THR B 185 15.00 7.76 -1.80
N ILE B 186 14.67 9.00 -1.42
CA ILE B 186 15.50 10.14 -1.76
C ILE B 186 15.45 11.14 -0.61
N SER B 187 16.55 11.86 -0.41
CA SER B 187 16.63 12.84 0.66
C SER B 187 16.60 14.25 0.09
N SER B 191 16.16 23.28 4.29
CA SER B 191 16.00 24.08 3.08
C SER B 191 14.67 23.75 2.40
N GLN B 192 14.71 23.54 1.09
CA GLN B 192 13.52 23.21 0.32
C GLN B 192 13.89 22.81 -1.10
N SER B 193 12.89 22.47 -1.90
CA SER B 193 13.10 22.07 -3.28
C SER B 193 11.83 22.23 -4.10
N CYS B 194 11.94 22.13 -5.41
CA CYS B 194 10.79 22.27 -6.29
C CYS B 194 10.38 20.96 -6.93
N GLY B 195 9.07 20.71 -6.93
CA GLY B 195 8.54 19.50 -7.52
C GLY B 195 7.47 19.90 -8.51
N ASN B 196 7.76 19.76 -9.80
CA ASN B 196 6.80 20.12 -10.84
C ASN B 196 6.38 18.88 -11.63
N ILE B 197 5.07 18.75 -11.85
CA ILE B 197 4.53 17.63 -12.59
C ILE B 197 3.97 18.12 -13.92
N GLU B 198 4.62 17.70 -15.01
CA GLU B 198 4.21 18.10 -16.36
C GLU B 198 3.13 17.17 -16.90
N GLY B 202 1.21 13.90 -15.17
CA GLY B 202 -0.10 13.54 -14.65
C GLY B 202 -0.20 13.87 -13.15
N SER B 203 -0.44 12.86 -12.33
CA SER B 203 -0.54 13.07 -10.89
C SER B 203 0.16 11.97 -10.09
N VAL B 204 0.71 12.33 -8.92
CA VAL B 204 1.41 11.36 -8.08
C VAL B 204 1.04 11.45 -6.60
N LEU B 205 1.47 10.45 -5.84
CA LEU B 205 1.25 10.41 -4.40
C LEU B 205 2.61 10.65 -3.78
N MSE B 206 2.74 11.70 -2.97
CA MSE B 206 4.02 11.97 -2.32
C MSE B 206 4.05 11.26 -0.97
O MSE B 206 3.16 11.44 -0.13
CB MSE B 206 4.21 13.48 -2.13
CG MSE B 206 5.51 13.86 -1.43
SE MSE B 206 5.78 15.63 -1.30
CE MSE B 206 7.37 15.63 -0.51
N ILE B 207 5.09 10.46 -0.76
CA ILE B 207 5.25 9.72 0.48
C ILE B 207 6.53 10.11 1.21
N ARG B 208 6.38 10.58 2.44
CA ARG B 208 7.51 10.96 3.28
C ARG B 208 7.55 9.91 4.37
N SER B 209 8.72 9.33 4.58
CA SER B 209 8.84 8.27 5.57
C SER B 209 10.09 8.39 6.43
N LYS B 210 10.04 7.81 7.61
CA LYS B 210 11.17 7.82 8.52
C LYS B 210 12.15 6.73 8.09
N ASP B 211 13.42 6.92 8.42
CA ASP B 211 14.47 5.97 8.07
C ASP B 211 14.51 4.81 9.08
NA NA C . 0.54 -16.80 -6.52
NA NA D . 1.35 -2.59 9.46
NA NA E . -17.48 20.13 13.11
#